data_2XDB
#
_entry.id   2XDB
#
_cell.length_a   183.650
_cell.length_b   183.650
_cell.length_c   183.650
_cell.angle_alpha   90.00
_cell.angle_beta   90.00
_cell.angle_gamma   90.00
#
_symmetry.space_group_name_H-M   'I 41 3 2'
#
loop_
_entity.id
_entity.type
_entity.pdbx_description
1 polymer TOXN
2 polymer TOXI
3 non-polymer 'SULFATE ION'
4 non-polymer 'COBALT (II) ION'
5 water water
#
loop_
_entity_poly.entity_id
_entity_poly.type
_entity_poly.pdbx_seq_one_letter_code
_entity_poly.pdbx_strand_id
1 'polypeptide(L)'
;MKFYTISSKYIEYLKEFDDKVPNSEDPTYQNPKAFIGIVLEIQGHKYLAPLTSPKKWHNNVKESSLSCFKLHENGVPENQ
LGLINLKFMIPIIEAEVSLLDLGNMPNTPYKRMLYKQLQFIRANSDKIASKSDTLRNLVLQGKMQGTCNFSLLEEKYRDF
GKEAEDTEEGE
;
A
2 'polyribonucleotide' AUUCAGGUGAUUUGCUACCUUUAAGUGCAGCUAGA(A23)AUUC G
#
loop_
_chem_comp.id
_chem_comp.type
_chem_comp.name
_chem_comp.formula
A RNA linking ADENOSINE-5'-MONOPHOSPHATE 'C10 H14 N5 O7 P'
A23 RNA linking 'ADENOSINE-5'-PHOSPHATE-2',3'-CYCLIC PHOSPHATE' 'C10 H13 N5 O9 P2'
C RNA linking CYTIDINE-5'-MONOPHOSPHATE 'C9 H14 N3 O8 P'
CO non-polymer 'COBALT (II) ION' 'Co 2'
G RNA linking GUANOSINE-5'-MONOPHOSPHATE 'C10 H14 N5 O8 P'
SO4 non-polymer 'SULFATE ION' 'O4 S -2'
U RNA linking URIDINE-5'-MONOPHOSPHATE 'C9 H13 N2 O9 P'
#
# COMPACT_ATOMS: atom_id res chain seq x y z
N MET A 1 -5.95 9.68 -4.36
CA MET A 1 -4.88 8.69 -4.23
C MET A 1 -4.18 8.37 -5.56
N LYS A 2 -2.88 8.09 -5.50
CA LYS A 2 -2.11 7.86 -6.73
C LYS A 2 -1.09 6.75 -6.56
N PHE A 3 -0.51 6.29 -7.68
CA PHE A 3 0.45 5.19 -7.62
C PHE A 3 1.86 5.71 -7.37
N TYR A 4 2.57 5.08 -6.43
CA TYR A 4 3.95 5.43 -6.10
C TYR A 4 4.89 4.25 -6.20
N THR A 5 6.18 4.54 -6.36
CA THR A 5 7.22 3.57 -6.06
C THR A 5 8.01 4.17 -4.89
N ILE A 6 8.74 3.31 -4.19
CA ILE A 6 9.52 3.75 -3.06
C ILE A 6 10.94 3.24 -3.26
N SER A 7 11.95 4.02 -2.85
CA SER A 7 13.33 3.64 -3.07
C SER A 7 13.72 2.44 -2.20
N SER A 8 14.61 1.59 -2.71
CA SER A 8 14.99 0.39 -1.98
C SER A 8 15.72 0.72 -0.70
N LYS A 9 16.60 1.72 -0.78
CA LYS A 9 17.40 2.11 0.36
C LYS A 9 16.49 2.38 1.56
N TYR A 10 15.42 3.14 1.33
CA TYR A 10 14.43 3.43 2.36
C TYR A 10 13.72 2.16 2.86
N ILE A 11 13.26 1.31 1.93
CA ILE A 11 12.64 0.07 2.33
C ILE A 11 13.60 -0.78 3.18
N GLU A 12 14.86 -0.86 2.73
CA GLU A 12 15.84 -1.66 3.46
C GLU A 12 16.02 -1.08 4.86
N TYR A 13 16.02 0.24 4.96
CA TYR A 13 16.22 0.86 6.26
C TYR A 13 15.07 0.49 7.19
N LEU A 14 13.83 0.78 6.79
CA LEU A 14 12.69 0.37 7.61
C LEU A 14 12.71 -1.15 7.89
N LYS A 15 13.11 -1.95 6.91
CA LYS A 15 13.19 -3.40 7.14
C LYS A 15 14.08 -3.77 8.32
N GLU A 16 15.06 -2.92 8.63
CA GLU A 16 15.88 -3.17 9.81
C GLU A 16 15.04 -3.27 11.07
N PHE A 17 13.97 -2.48 11.14
CA PHE A 17 13.18 -2.35 12.36
C PHE A 17 11.96 -3.24 12.39
N ASP A 18 11.42 -3.53 11.21
CA ASP A 18 10.28 -4.41 11.11
C ASP A 18 10.36 -5.14 9.79
N ASP A 19 10.51 -6.44 9.86
CA ASP A 19 10.73 -7.24 8.65
C ASP A 19 9.43 -7.43 7.88
N LYS A 20 8.31 -7.05 8.48
CA LYS A 20 7.02 -7.12 7.79
C LYS A 20 6.87 -6.02 6.74
N VAL A 21 7.71 -4.99 6.82
CA VAL A 21 7.74 -3.97 5.78
C VAL A 21 7.82 -4.69 4.44
N PRO A 22 7.06 -4.24 3.45
CA PRO A 22 6.97 -4.98 2.18
C PRO A 22 8.27 -5.03 1.37
N ASN A 23 8.56 -6.19 0.76
CA ASN A 23 9.63 -6.33 -0.22
C ASN A 23 9.46 -5.36 -1.38
N SER A 24 10.53 -4.67 -1.75
CA SER A 24 10.44 -3.66 -2.78
C SER A 24 10.96 -4.18 -4.11
N GLU A 25 11.98 -5.03 -4.05
CA GLU A 25 12.59 -5.49 -5.29
C GLU A 25 12.78 -6.99 -5.40
N ASP A 26 12.62 -7.49 -6.61
CA ASP A 26 12.67 -8.91 -6.85
C ASP A 26 12.92 -9.16 -8.35
N PRO A 27 13.74 -10.18 -8.67
CA PRO A 27 13.99 -10.55 -10.06
C PRO A 27 12.73 -11.08 -10.71
N THR A 28 11.87 -11.70 -9.89
CA THR A 28 10.59 -12.18 -10.38
C THR A 28 9.62 -11.04 -10.77
N TYR A 29 9.84 -9.85 -10.19
CA TYR A 29 8.98 -8.68 -10.45
C TYR A 29 9.16 -8.17 -11.87
N GLN A 30 8.05 -8.00 -12.59
CA GLN A 30 8.10 -7.50 -13.96
C GLN A 30 7.96 -5.97 -13.97
N ASN A 31 7.39 -5.44 -12.91
CA ASN A 31 7.36 -4.00 -12.70
C ASN A 31 7.73 -3.76 -11.24
N PRO A 32 8.20 -2.55 -10.93
CA PRO A 32 8.54 -2.26 -9.53
C PRO A 32 7.29 -2.33 -8.67
N LYS A 33 7.44 -2.75 -7.41
CA LYS A 33 6.31 -2.80 -6.48
C LYS A 33 5.64 -1.46 -6.44
N ALA A 34 4.33 -1.43 -6.63
CA ALA A 34 3.57 -0.18 -6.58
C ALA A 34 2.81 -0.01 -5.28
N PHE A 35 2.77 1.22 -4.78
CA PHE A 35 2.00 1.57 -3.58
C PHE A 35 0.87 2.55 -3.92
N ILE A 36 -0.11 2.69 -3.01
CA ILE A 36 -1.24 3.61 -3.19
C ILE A 36 -1.18 4.89 -2.35
N GLY A 37 -1.65 5.97 -2.97
CA GLY A 37 -1.23 7.34 -2.71
C GLY A 37 -1.77 8.15 -1.56
N ILE A 38 -1.35 7.78 -0.38
CA ILE A 38 -1.68 8.48 0.85
C ILE A 38 -3.02 8.11 1.36
N VAL A 39 -2.93 7.00 2.07
CA VAL A 39 -4.00 6.20 2.45
C VAL A 39 -4.41 6.70 3.83
N LEU A 40 -3.43 7.26 4.55
CA LEU A 40 -3.63 7.87 5.86
C LEU A 40 -2.61 8.97 6.09
N GLU A 41 -3.09 10.10 6.59
CA GLU A 41 -2.19 11.15 7.01
C GLU A 41 -2.60 11.58 8.41
N ILE A 42 -1.74 11.33 9.40
CA ILE A 42 -2.10 11.57 10.78
C ILE A 42 -0.86 11.76 11.64
N GLN A 43 -0.98 12.64 12.63
CA GLN A 43 0.15 12.96 13.50
C GLN A 43 1.37 13.37 12.71
N GLY A 44 1.16 14.03 11.58
CA GLY A 44 2.26 14.39 10.72
C GLY A 44 2.94 13.23 10.00
N HIS A 45 2.25 12.09 9.84
CA HIS A 45 2.78 11.01 9.02
C HIS A 45 1.96 10.78 7.76
N LYS A 46 2.65 10.38 6.69
CA LYS A 46 1.98 9.99 5.45
C LYS A 46 2.22 8.52 5.17
N TYR A 47 1.14 7.75 5.10
CA TYR A 47 1.25 6.33 4.84
C TYR A 47 0.96 5.97 3.39
N LEU A 48 1.75 5.06 2.85
CA LEU A 48 1.42 4.42 1.58
C LEU A 48 1.21 2.94 1.83
N ALA A 49 0.36 2.31 1.03
CA ALA A 49 0.09 0.88 1.19
C ALA A 49 0.47 0.11 -0.06
N PRO A 50 1.01 -1.10 0.11
CA PRO A 50 1.45 -1.85 -1.07
C PRO A 50 0.28 -2.51 -1.76
N LEU A 51 0.31 -2.52 -3.10
CA LEU A 51 -0.63 -3.31 -3.88
C LEU A 51 0.00 -4.68 -4.12
N THR A 52 -0.83 -5.72 -4.21
CA THR A 52 -0.37 -7.07 -4.49
C THR A 52 -1.29 -7.79 -5.47
N SER A 53 -0.72 -8.68 -6.27
CA SER A 53 -1.49 -9.39 -7.26
C SER A 53 -2.31 -10.50 -6.58
N PRO A 54 -3.33 -11.02 -7.28
CA PRO A 54 -4.20 -12.05 -6.71
C PRO A 54 -3.44 -13.28 -6.25
N LYS A 55 -3.81 -13.78 -5.07
CA LYS A 55 -3.32 -15.03 -4.53
C LYS A 55 -4.54 -15.79 -4.07
N LYS A 56 -4.43 -17.11 -3.95
CA LYS A 56 -5.56 -17.94 -3.59
C LYS A 56 -6.23 -17.52 -2.28
N TRP A 57 -5.45 -17.27 -1.24
CA TRP A 57 -6.03 -16.95 0.06
C TRP A 57 -6.92 -15.71 0.09
N HIS A 58 -6.79 -14.84 -0.92
CA HIS A 58 -7.61 -13.63 -0.98
C HIS A 58 -9.09 -13.94 -0.99
N ASN A 59 -9.44 -15.12 -1.46
CA ASN A 59 -10.85 -15.50 -1.55
C ASN A 59 -11.56 -15.41 -0.19
N ASN A 60 -10.78 -15.46 0.89
CA ASN A 60 -11.35 -15.45 2.23
C ASN A 60 -11.33 -14.11 2.98
N VAL A 61 -11.06 -13.02 2.27
CA VAL A 61 -11.08 -11.73 2.94
C VAL A 61 -12.43 -11.06 2.66
N LYS A 62 -13.12 -10.69 3.73
CA LYS A 62 -14.47 -10.15 3.63
C LYS A 62 -14.41 -8.64 3.47
N GLU A 63 -15.40 -8.07 2.80
CA GLU A 63 -15.46 -6.62 2.61
C GLU A 63 -15.14 -5.89 3.89
N SER A 64 -15.56 -6.44 5.02
CA SER A 64 -15.47 -5.73 6.30
C SER A 64 -14.05 -5.70 6.85
N SER A 65 -13.13 -6.33 6.12
CA SER A 65 -11.75 -6.51 6.61
C SER A 65 -10.93 -5.25 6.70
N LEU A 66 -10.18 -5.17 7.78
CA LEU A 66 -9.31 -4.02 8.06
C LEU A 66 -7.91 -4.19 7.46
N SER A 67 -7.49 -5.43 7.25
CA SER A 67 -6.15 -5.74 6.77
C SER A 67 -5.98 -5.51 5.26
N CYS A 68 -7.06 -5.74 4.54
CA CYS A 68 -7.01 -5.82 3.10
C CYS A 68 -8.19 -5.08 2.53
N PHE A 69 -7.97 -4.34 1.45
CA PHE A 69 -9.07 -3.86 0.67
C PHE A 69 -8.99 -4.47 -0.72
N LYS A 70 -9.93 -5.36 -1.05
CA LYS A 70 -9.93 -6.02 -2.35
C LYS A 70 -10.24 -5.05 -3.51
N LEU A 71 -9.54 -5.21 -4.63
CA LEU A 71 -9.78 -4.40 -5.81
C LEU A 71 -10.46 -5.22 -6.90
N HIS A 72 -11.41 -4.62 -7.61
CA HIS A 72 -11.92 -5.21 -8.85
C HIS A 72 -12.45 -4.11 -9.75
N GLU A 73 -12.70 -4.42 -11.01
CA GLU A 73 -13.21 -3.40 -11.93
C GLU A 73 -14.61 -2.89 -11.55
N ASN A 74 -14.81 -1.58 -11.57
CA ASN A 74 -16.14 -0.98 -11.31
C ASN A 74 -17.22 -1.70 -12.11
N GLY A 75 -18.21 -2.23 -11.41
CA GLY A 75 -19.32 -2.89 -12.07
C GLY A 75 -19.00 -4.27 -12.64
N VAL A 76 -17.75 -4.71 -12.58
CA VAL A 76 -17.38 -6.00 -13.15
C VAL A 76 -16.66 -6.88 -12.13
N PRO A 77 -17.38 -7.36 -11.12
CA PRO A 77 -16.86 -8.11 -9.96
C PRO A 77 -15.94 -9.29 -10.32
N GLU A 78 -16.18 -9.94 -11.44
CA GLU A 78 -15.40 -11.13 -11.78
C GLU A 78 -14.01 -10.77 -12.30
N ASN A 79 -13.77 -9.48 -12.51
CA ASN A 79 -12.46 -9.01 -12.90
C ASN A 79 -11.71 -8.54 -11.67
N GLN A 80 -11.22 -9.51 -10.89
CA GLN A 80 -10.44 -9.24 -9.69
C GLN A 80 -9.07 -8.62 -10.01
N LEU A 81 -8.70 -7.60 -9.25
CA LEU A 81 -7.50 -6.83 -9.54
C LEU A 81 -6.58 -6.77 -8.32
N GLY A 82 -6.50 -7.87 -7.58
CA GLY A 82 -5.61 -7.93 -6.45
C GLY A 82 -6.16 -7.12 -5.28
N LEU A 83 -5.30 -6.68 -4.38
CA LEU A 83 -5.75 -5.99 -3.18
C LEU A 83 -4.72 -5.05 -2.63
N ILE A 84 -5.17 -4.06 -1.87
CA ILE A 84 -4.29 -3.15 -1.17
C ILE A 84 -3.98 -3.78 0.17
N ASN A 85 -2.71 -4.02 0.46
CA ASN A 85 -2.36 -4.68 1.72
C ASN A 85 -2.15 -3.67 2.84
N LEU A 86 -3.25 -3.14 3.36
CA LEU A 86 -3.20 -2.11 4.38
C LEU A 86 -2.32 -2.49 5.60
N LYS A 87 -2.30 -3.76 5.98
CA LYS A 87 -1.60 -4.14 7.20
C LYS A 87 -0.09 -4.00 7.09
N PHE A 88 0.39 -3.78 5.88
CA PHE A 88 1.80 -3.49 5.68
C PHE A 88 2.05 -2.12 5.10
N MET A 89 1.16 -1.18 5.34
CA MET A 89 1.40 0.21 4.96
C MET A 89 2.55 0.77 5.80
N ILE A 90 3.21 1.81 5.31
CA ILE A 90 4.39 2.34 5.97
C ILE A 90 4.46 3.87 5.93
N PRO A 91 5.03 4.49 6.96
CA PRO A 91 5.15 5.94 6.89
C PRO A 91 6.25 6.25 5.88
N ILE A 92 6.14 7.33 5.12
CA ILE A 92 7.15 7.62 4.11
C ILE A 92 7.74 9.01 4.24
N ILE A 93 8.92 9.17 3.67
CA ILE A 93 9.60 10.45 3.51
C ILE A 93 9.41 10.85 2.05
N GLU A 94 9.00 12.08 1.78
CA GLU A 94 8.67 12.45 0.40
C GLU A 94 9.81 12.28 -0.60
N ALA A 95 11.04 12.55 -0.18
CA ALA A 95 12.20 12.39 -1.05
C ALA A 95 12.52 10.94 -1.40
N GLU A 96 12.02 9.99 -0.61
CA GLU A 96 12.32 8.58 -0.89
C GLU A 96 11.20 7.90 -1.66
N VAL A 97 10.27 8.71 -2.16
CA VAL A 97 9.06 8.21 -2.76
C VAL A 97 8.84 8.85 -4.12
N SER A 98 8.12 8.19 -5.01
CA SER A 98 8.05 8.70 -6.37
C SER A 98 6.81 8.26 -7.13
N LEU A 99 6.01 9.24 -7.59
CA LEU A 99 4.81 8.94 -8.35
C LEU A 99 5.14 8.20 -9.64
N LEU A 100 4.33 7.22 -10.02
CA LEU A 100 4.45 6.68 -11.37
C LEU A 100 4.13 7.82 -12.33
N ASP A 101 4.88 7.93 -13.42
CA ASP A 101 4.58 8.94 -14.43
C ASP A 101 3.74 8.31 -15.53
N LEU A 102 2.43 8.17 -15.27
CA LEU A 102 1.56 7.44 -16.19
C LEU A 102 1.50 8.11 -17.56
N GLY A 103 1.59 9.43 -17.56
CA GLY A 103 1.58 10.19 -18.80
C GLY A 103 2.69 9.82 -19.78
N ASN A 104 3.88 9.49 -19.26
CA ASN A 104 4.99 9.10 -20.11
C ASN A 104 5.13 7.59 -20.26
N MET A 105 4.29 6.84 -19.55
CA MET A 105 4.37 5.38 -19.63
C MET A 105 3.77 4.88 -20.93
N PRO A 106 4.50 4.01 -21.63
CA PRO A 106 4.01 3.38 -22.86
C PRO A 106 2.71 2.63 -22.62
N ASN A 107 1.90 2.48 -23.65
CA ASN A 107 0.57 1.88 -23.50
C ASN A 107 0.60 0.37 -23.43
N THR A 108 1.04 -0.15 -22.31
CA THR A 108 1.08 -1.58 -22.09
C THR A 108 -0.22 -2.03 -21.43
N PRO A 109 -0.43 -3.34 -21.31
CA PRO A 109 -1.57 -3.88 -20.57
C PRO A 109 -1.53 -3.47 -19.11
N TYR A 110 -0.34 -3.47 -18.52
CA TYR A 110 -0.18 -3.09 -17.13
C TYR A 110 -0.79 -1.71 -16.90
N LYS A 111 -0.46 -0.77 -17.79
CA LYS A 111 -1.06 0.57 -17.69
C LYS A 111 -2.58 0.49 -17.69
N ARG A 112 -3.17 -0.29 -18.59
CA ARG A 112 -4.62 -0.45 -18.61
C ARG A 112 -5.14 -0.94 -17.26
N MET A 113 -4.43 -1.88 -16.66
CA MET A 113 -4.81 -2.44 -15.38
C MET A 113 -4.75 -1.35 -14.32
N LEU A 114 -3.65 -0.61 -14.30
CA LEU A 114 -3.52 0.52 -13.38
C LEU A 114 -4.75 1.41 -13.44
N TYR A 115 -5.28 1.62 -14.65
CA TYR A 115 -6.39 2.52 -14.81
C TYR A 115 -7.71 1.91 -14.41
N LYS A 116 -7.81 0.58 -14.47
CA LYS A 116 -9.00 -0.05 -13.96
C LYS A 116 -8.94 -0.02 -12.44
N GLN A 117 -7.73 -0.15 -11.91
CA GLN A 117 -7.55 -0.07 -10.48
C GLN A 117 -7.83 1.33 -9.94
N LEU A 118 -7.29 2.35 -10.62
CA LEU A 118 -7.40 3.73 -10.16
C LEU A 118 -8.87 4.11 -10.02
N GLN A 119 -9.65 3.74 -11.03
CA GLN A 119 -11.03 4.16 -11.06
C GLN A 119 -11.77 3.53 -9.90
N PHE A 120 -11.40 2.31 -9.56
CA PHE A 120 -12.06 1.65 -8.44
C PHE A 120 -11.62 2.28 -7.12
N ILE A 121 -10.31 2.39 -6.94
CA ILE A 121 -9.74 3.07 -5.77
C ILE A 121 -10.32 4.47 -5.55
N ARG A 122 -10.35 5.29 -6.59
CA ARG A 122 -10.86 6.63 -6.46
C ARG A 122 -12.33 6.64 -6.00
N ALA A 123 -13.15 5.78 -6.58
CA ALA A 123 -14.54 5.69 -6.20
C ALA A 123 -14.69 5.21 -4.76
N ASN A 124 -13.64 4.61 -4.22
CA ASN A 124 -13.70 4.13 -2.85
C ASN A 124 -12.66 4.77 -1.92
N SER A 125 -12.10 5.90 -2.35
CA SER A 125 -11.01 6.49 -1.60
C SER A 125 -11.34 6.66 -0.11
N ASP A 126 -12.57 7.05 0.22
CA ASP A 126 -12.92 7.30 1.61
C ASP A 126 -12.97 6.02 2.44
N LYS A 127 -13.56 4.98 1.86
CA LYS A 127 -13.58 3.69 2.52
C LYS A 127 -12.15 3.27 2.84
N ILE A 128 -11.25 3.45 1.88
CA ILE A 128 -9.86 3.07 2.06
C ILE A 128 -9.19 3.83 3.18
N ALA A 129 -9.38 5.15 3.22
CA ALA A 129 -8.77 5.96 4.26
C ALA A 129 -9.35 5.62 5.63
N SER A 130 -10.63 5.29 5.66
CA SER A 130 -11.28 5.00 6.92
C SER A 130 -10.81 3.67 7.48
N LYS A 131 -10.63 2.69 6.62
CA LYS A 131 -10.07 1.42 7.06
C LYS A 131 -8.65 1.61 7.58
N SER A 132 -7.88 2.47 6.92
CA SER A 132 -6.48 2.68 7.33
C SER A 132 -6.43 3.26 8.73
N ASP A 133 -7.27 4.26 8.97
CA ASP A 133 -7.31 4.94 10.25
C ASP A 133 -7.69 3.97 11.36
N THR A 134 -8.69 3.13 11.11
CA THR A 134 -9.16 2.24 12.16
C THR A 134 -8.14 1.15 12.38
N LEU A 135 -7.46 0.76 11.31
CA LEU A 135 -6.45 -0.28 11.40
C LEU A 135 -5.35 0.15 12.35
N ARG A 136 -4.84 1.36 12.13
CA ARG A 136 -3.74 1.86 12.95
C ARG A 136 -4.20 2.07 14.40
N ASN A 137 -5.43 2.56 14.58
CA ASN A 137 -5.94 2.74 15.94
C ASN A 137 -5.96 1.42 16.71
N LEU A 138 -6.55 0.40 16.10
CA LEU A 138 -6.57 -0.92 16.71
C LEU A 138 -5.16 -1.40 17.02
N VAL A 139 -4.20 -1.14 16.14
CA VAL A 139 -2.85 -1.62 16.40
C VAL A 139 -2.22 -0.87 17.59
N LEU A 140 -2.47 0.44 17.67
CA LEU A 140 -2.00 1.20 18.83
C LEU A 140 -2.57 0.66 20.11
N GLN A 141 -3.82 0.21 20.06
CA GLN A 141 -4.51 -0.23 21.27
C GLN A 141 -4.13 -1.63 21.67
N GLY A 142 -3.26 -2.24 20.86
CA GLY A 142 -2.86 -3.61 21.11
C GLY A 142 -3.96 -4.61 20.80
N LYS A 143 -4.89 -4.23 19.91
CA LYS A 143 -6.02 -5.10 19.61
C LYS A 143 -5.83 -5.91 18.34
N MET A 144 -4.78 -5.63 17.57
CA MET A 144 -4.53 -6.38 16.34
C MET A 144 -3.05 -6.69 16.13
N GLN A 145 -2.76 -7.87 15.59
CA GLN A 145 -1.37 -8.24 15.37
C GLN A 145 -1.11 -8.71 13.93
N GLY A 146 0.15 -8.97 13.62
CA GLY A 146 0.51 -9.40 12.29
C GLY A 146 0.53 -8.25 11.30
N THR A 147 0.59 -7.03 11.83
CA THR A 147 0.78 -5.87 10.97
C THR A 147 2.15 -5.24 11.22
N CYS A 148 2.56 -4.33 10.33
CA CYS A 148 3.76 -3.55 10.60
C CYS A 148 3.58 -2.87 11.93
N ASN A 149 4.67 -2.79 12.69
CA ASN A 149 4.65 -2.09 13.95
C ASN A 149 4.65 -0.59 13.70
N PHE A 150 3.45 -0.02 13.54
CA PHE A 150 3.33 1.38 13.16
C PHE A 150 4.01 2.36 14.11
N SER A 151 3.94 2.12 15.42
CA SER A 151 4.59 3.02 16.38
C SER A 151 6.12 3.02 16.23
N LEU A 152 6.69 1.83 16.04
CA LEU A 152 8.13 1.69 15.92
C LEU A 152 8.60 2.37 14.64
N LEU A 153 7.95 2.05 13.52
CA LEU A 153 8.27 2.69 12.24
C LEU A 153 8.13 4.19 12.39
N GLU A 154 7.04 4.63 13.01
CA GLU A 154 6.83 6.06 13.15
C GLU A 154 7.94 6.67 13.97
N GLU A 155 8.55 5.86 14.83
CA GLU A 155 9.59 6.33 15.74
C GLU A 155 10.93 6.49 15.05
N LYS A 156 11.28 5.59 14.12
CA LYS A 156 12.62 5.64 13.49
C LYS A 156 12.68 6.24 12.08
N TYR A 157 11.57 6.27 11.36
CA TYR A 157 11.66 6.55 9.93
C TYR A 157 12.32 7.88 9.57
N ARG A 158 12.09 8.93 10.33
CA ARG A 158 12.72 10.20 9.97
C ARG A 158 14.22 10.25 10.28
N ASP A 159 14.77 9.14 10.79
CA ASP A 159 16.20 9.07 11.04
C ASP A 159 16.92 8.45 9.87
N PHE A 160 16.16 8.13 8.83
CA PHE A 160 16.74 7.51 7.64
C PHE A 160 18.01 8.18 7.18
N GLY A 161 17.99 9.50 7.08
CA GLY A 161 19.16 10.19 6.55
C GLY A 161 20.38 10.19 7.45
N LYS A 162 20.48 9.24 8.36
CA LYS A 162 21.53 9.27 9.38
C LYS A 162 21.97 7.89 9.83
PC A23 B 36 -55.23 -14.48 19.40
O1C A23 B 36 -56.25 -15.16 18.51
O2C A23 B 36 -55.77 -13.04 19.63
P A23 B 36 -51.77 -19.43 20.11
OP1 A23 B 36 -50.92 -20.08 21.19
OP2 A23 B 36 -53.14 -19.93 20.27
O5' A23 B 36 -52.08 -18.02 20.54
C5' A23 B 36 -52.90 -17.74 21.60
C4' A23 B 36 -53.55 -16.44 21.61
O4' A23 B 36 -52.61 -15.37 21.80
C3' A23 B 36 -54.17 -16.13 20.37
O3' A23 B 36 -55.05 -15.09 20.64
C2' A23 B 36 -53.16 -15.49 19.55
O2' A23 B 36 -53.89 -14.57 18.79
C1' A23 B 36 -52.17 -14.96 20.53
N9 A23 B 36 -50.78 -15.18 20.33
C8 A23 B 36 -49.89 -15.74 21.12
N7 A23 B 36 -48.70 -15.73 20.53
C5 A23 B 36 -48.84 -15.12 19.38
C6 A23 B 36 -47.99 -14.81 18.35
N6 A23 B 36 -46.61 -15.12 18.38
N1 A23 B 36 -48.47 -14.21 17.31
C2 A23 B 36 -49.74 -13.89 17.21
N3 A23 B 36 -50.59 -14.18 18.18
C4 A23 B 36 -50.17 -14.79 19.26
S SO4 C . 8.42 15.21 4.09
O1 SO4 C . 8.83 15.91 5.29
O2 SO4 C . 7.37 15.99 3.43
O3 SO4 C . 9.55 15.05 3.18
O4 SO4 C . 7.90 13.89 4.45
S SO4 D . -4.32 12.90 -4.98
O1 SO4 D . -4.87 12.07 -6.06
O2 SO4 D . -5.42 13.32 -4.12
O3 SO4 D . -3.35 12.14 -4.21
O4 SO4 D . -3.68 14.08 -5.57
S SO4 E . -3.88 15.13 12.19
O1 SO4 E . -4.18 16.44 12.78
O2 SO4 E . -5.13 14.43 11.93
O3 SO4 E . -3.16 15.32 10.93
O4 SO4 E . -3.07 14.35 13.12
CO CO F . -18.55 -2.16 -8.04
CO CO G . -12.93 0.08 -12.92
S SO4 H . -29.44 -23.07 7.78
O1 SO4 H . -29.76 -21.76 7.22
O2 SO4 H . -30.67 -23.85 7.94
O3 SO4 H . -28.55 -23.76 6.86
O4 SO4 H . -28.79 -22.88 9.08
CO CO I . -27.18 -1.66 9.16
CO CO J . -12.67 2.60 20.14
CO CO K . -14.09 -9.51 11.04
CO CO L . -12.16 0.59 25.47
#